data_7RV9
#
_entry.id   7RV9
#
_cell.length_a   31.215
_cell.length_b   72.787
_cell.length_c   54.995
_cell.angle_alpha   90.00
_cell.angle_beta   105.72
_cell.angle_gamma   90.00
#
_symmetry.space_group_name_H-M   'C 1 2 1'
#
loop_
_entity.id
_entity.type
_entity.pdbx_description
1 polymer 'Isoform 2 of B-cell lymphoma 6 protein'
2 non-polymer N-[5-chloro-2-(4-methylpiperazin-1-yl)pyridin-4-yl]-2-{5-(3-cyano-4-hydroxy-5-methylphenyl)-3-[3-(1-methyl-1H-pyrazol-4-yl)prop-2-yn-1-yl]-4-oxo-3,4-dihydro-7H-pyrrolo[2,3-d]pyrimidin-7-yl}acetamide
3 non-polymer 'DIMETHYL SULFOXIDE'
4 water water
#
_entity_poly.entity_id   1
_entity_poly.type   'polypeptide(L)'
_entity_poly.pdbx_seq_one_letter_code
;GSADSQIQFTRHASDVLLNLNRLRSRDILTDVVIVVSREQFRAHKTVLMACSGLFYSIFTDQLKRNLSVINLDPEINPEG
FNILLDFMYTSRLNLREGNIMAVMATAMYLQMEHVVDTCRKFIKASE
;
_entity_poly.pdbx_strand_id   A
#
# COMPACT_ATOMS: atom_id res chain seq x y z
N SER A 5 14.51 12.62 -25.71
CA SER A 5 13.80 13.21 -26.91
C SER A 5 12.49 12.44 -27.07
N GLN A 6 12.22 11.51 -26.13
CA GLN A 6 10.99 10.72 -26.22
C GLN A 6 9.75 11.58 -25.89
N ILE A 7 8.64 11.22 -26.51
CA ILE A 7 7.34 11.83 -26.24
C ILE A 7 6.86 11.39 -24.89
N GLN A 8 6.33 12.30 -24.07
CA GLN A 8 5.88 12.08 -22.70
CA GLN A 8 5.88 12.06 -22.70
C GLN A 8 4.36 12.02 -22.61
N PHE A 9 3.82 10.89 -22.16
CA PHE A 9 2.39 10.72 -21.94
C PHE A 9 2.13 11.01 -20.45
N THR A 10 1.58 12.17 -20.14
CA THR A 10 1.53 12.60 -18.72
C THR A 10 0.47 11.86 -17.90
N ARG A 11 -0.52 11.22 -18.54
CA ARG A 11 -1.61 10.55 -17.85
C ARG A 11 -1.36 9.02 -17.86
N HIS A 12 -0.30 8.55 -18.56
CA HIS A 12 -0.14 7.08 -18.65
C HIS A 12 0.03 6.42 -17.30
N ALA A 13 0.91 6.92 -16.45
CA ALA A 13 1.18 6.22 -15.18
C ALA A 13 -0.07 6.13 -14.34
N SER A 14 -0.82 7.21 -14.26
CA SER A 14 -2.10 7.23 -13.49
CA SER A 14 -2.12 7.28 -13.54
C SER A 14 -3.13 6.28 -14.15
N ASP A 15 -3.15 6.17 -15.46
CA ASP A 15 -4.04 5.18 -16.10
C ASP A 15 -3.59 3.76 -15.80
N VAL A 16 -2.30 3.47 -15.80
CA VAL A 16 -1.85 2.15 -15.47
C VAL A 16 -2.31 1.87 -14.03
N LEU A 17 -2.11 2.76 -13.08
CA LEU A 17 -2.46 2.44 -11.65
C LEU A 17 -3.96 2.19 -11.54
N LEU A 18 -4.76 2.99 -12.18
CA LEU A 18 -6.24 2.82 -12.26
C LEU A 18 -6.52 1.40 -12.69
N ASN A 19 -5.96 1.01 -13.81
CA ASN A 19 -6.15 -0.37 -14.31
C ASN A 19 -5.68 -1.48 -13.39
N LEU A 20 -4.54 -1.24 -12.69
CA LEU A 20 -4.15 -2.20 -11.66
C LEU A 20 -5.18 -2.26 -10.50
N ASN A 21 -5.73 -1.18 -10.06
CA ASN A 21 -6.76 -1.16 -9.02
C ASN A 21 -8.00 -1.88 -9.52
N ARG A 22 -8.32 -1.75 -10.81
CA ARG A 22 -9.54 -2.46 -11.31
C ARG A 22 -9.22 -3.96 -11.27
N LEU A 23 -8.02 -4.38 -11.68
CA LEU A 23 -7.71 -5.82 -11.62
C LEU A 23 -7.80 -6.29 -10.14
N ARG A 24 -7.33 -5.48 -9.21
CA ARG A 24 -7.41 -5.84 -7.78
C ARG A 24 -8.85 -5.97 -7.31
N SER A 25 -9.74 -5.15 -7.78
CA SER A 25 -11.18 -5.17 -7.41
C SER A 25 -11.83 -6.43 -7.94
N ARG A 26 -11.29 -7.02 -9.03
CA ARG A 26 -11.81 -8.24 -9.66
C ARG A 26 -11.01 -9.46 -9.28
N ASP A 27 -10.02 -9.29 -8.44
CA ASP A 27 -9.14 -10.40 -8.00
C ASP A 27 -8.41 -11.04 -9.18
N ILE A 28 -8.10 -10.24 -10.17
CA ILE A 28 -7.39 -10.73 -11.35
C ILE A 28 -5.89 -10.62 -11.15
N LEU A 29 -5.22 -11.78 -11.16
CA LEU A 29 -3.75 -11.90 -11.06
C LEU A 29 -3.21 -11.40 -9.70
N THR A 30 -4.06 -11.25 -8.71
CA THR A 30 -3.62 -11.15 -7.33
C THR A 30 -2.86 -12.38 -6.92
N ASP A 31 -1.79 -12.17 -6.18
CA ASP A 31 -0.91 -13.30 -5.85
C ASP A 31 -0.53 -13.37 -4.40
N VAL A 32 -1.16 -12.58 -3.56
CA VAL A 32 -0.85 -12.67 -2.13
C VAL A 32 -2.14 -12.27 -1.39
N VAL A 33 -2.27 -12.80 -0.21
CA VAL A 33 -3.24 -12.25 0.76
CA VAL A 33 -3.27 -12.37 0.83
C VAL A 33 -2.45 -11.74 1.95
N ILE A 34 -2.77 -10.54 2.35
CA ILE A 34 -2.18 -9.91 3.56
C ILE A 34 -3.21 -10.02 4.66
N VAL A 35 -2.81 -10.69 5.74
CA VAL A 35 -3.67 -10.97 6.93
C VAL A 35 -3.34 -9.97 8.05
N VAL A 36 -4.36 -9.22 8.48
CA VAL A 36 -4.13 -8.16 9.51
C VAL A 36 -5.20 -8.45 10.53
N SER A 37 -4.82 -9.14 11.60
CA SER A 37 -5.72 -9.53 12.69
C SER A 37 -6.87 -10.42 12.16
N ARG A 38 -8.15 -10.02 12.16
CA ARG A 38 -9.24 -10.86 11.64
C ARG A 38 -9.65 -10.52 10.18
N GLU A 39 -8.86 -9.70 9.51
CA GLU A 39 -9.16 -9.18 8.16
C GLU A 39 -8.12 -9.72 7.19
N GLN A 40 -8.52 -9.90 5.96
CA GLN A 40 -7.65 -10.39 4.85
C GLN A 40 -7.78 -9.39 3.68
N PHE A 41 -6.70 -9.14 2.95
CA PHE A 41 -6.68 -8.24 1.79
C PHE A 41 -5.91 -8.92 0.68
N ARG A 42 -6.45 -8.97 -0.51
CA ARG A 42 -5.72 -9.58 -1.65
C ARG A 42 -5.07 -8.42 -2.35
N ALA A 43 -3.87 -8.66 -2.91
CA ALA A 43 -3.14 -7.66 -3.65
C ALA A 43 -2.17 -8.30 -4.63
N HIS A 44 -1.52 -7.44 -5.38
CA HIS A 44 -0.42 -7.81 -6.32
C HIS A 44 0.92 -7.54 -5.55
N LYS A 45 1.77 -8.55 -5.47
CA LYS A 45 3.09 -8.36 -4.85
C LYS A 45 3.82 -7.22 -5.45
N THR A 46 3.83 -7.08 -6.79
CA THR A 46 4.61 -6.01 -7.44
C THR A 46 4.18 -4.67 -6.95
N VAL A 47 2.87 -4.42 -6.83
CA VAL A 47 2.41 -3.10 -6.41
C VAL A 47 2.86 -2.87 -4.93
N LEU A 48 2.71 -3.88 -4.10
CA LEU A 48 3.14 -3.76 -2.68
C LEU A 48 4.64 -3.44 -2.63
N MET A 49 5.49 -4.10 -3.42
CA MET A 49 6.95 -3.90 -3.45
C MET A 49 7.22 -2.47 -3.91
N ALA A 50 6.47 -2.00 -4.91
CA ALA A 50 6.67 -0.65 -5.49
C ALA A 50 6.37 0.45 -4.45
N CYS A 51 5.53 0.16 -3.44
CA CYS A 51 4.97 1.22 -2.53
C CYS A 51 5.44 1.06 -1.10
N SER A 52 6.11 -0.01 -0.68
CA SER A 52 6.36 -0.22 0.75
C SER A 52 7.76 -0.79 0.88
N GLY A 53 8.57 -0.25 1.75
CA GLY A 53 9.88 -0.83 2.09
C GLY A 53 9.73 -2.18 2.74
N LEU A 54 8.70 -2.37 3.57
CA LEU A 54 8.51 -3.65 4.24
C LEU A 54 8.21 -4.71 3.18
N PHE A 55 7.32 -4.46 2.25
CA PHE A 55 6.97 -5.50 1.28
C PHE A 55 8.11 -5.72 0.27
N TYR A 56 8.84 -4.66 -0.05
CA TYR A 56 9.97 -4.78 -0.94
C TYR A 56 10.94 -5.73 -0.28
N SER A 57 11.25 -5.52 0.98
CA SER A 57 12.27 -6.32 1.70
CA SER A 57 12.25 -6.30 1.76
C SER A 57 11.80 -7.77 1.81
N ILE A 58 10.52 -7.99 2.01
CA ILE A 58 9.95 -9.35 2.13
C ILE A 58 10.09 -10.07 0.79
N PHE A 59 9.55 -9.51 -0.28
CA PHE A 59 9.39 -10.25 -1.53
C PHE A 59 10.68 -10.23 -2.35
N THR A 60 11.66 -9.36 -2.07
CA THR A 60 12.93 -9.48 -2.77
C THR A 60 13.70 -10.68 -2.22
N ASP A 61 13.44 -11.08 -0.98
CA ASP A 61 14.11 -12.23 -0.29
C ASP A 61 13.71 -13.49 -1.10
N GLN A 62 14.65 -14.25 -1.53
CA GLN A 62 14.30 -15.43 -2.38
C GLN A 62 13.63 -16.46 -1.46
N LEU A 63 13.89 -16.40 -0.17
CA LEU A 63 13.23 -17.24 0.81
C LEU A 63 11.74 -16.99 0.88
N LYS A 64 11.29 -15.72 0.68
CA LYS A 64 9.89 -15.33 0.93
C LYS A 64 9.17 -14.87 -0.35
N ARG A 65 9.91 -14.80 -1.41
CA ARG A 65 9.30 -14.22 -2.64
C ARG A 65 8.06 -14.99 -3.14
N ASN A 66 7.96 -16.30 -2.98
CA ASN A 66 6.81 -17.13 -3.43
C ASN A 66 5.74 -17.31 -2.35
N LEU A 67 5.82 -16.65 -1.18
CA LEU A 67 4.76 -16.81 -0.18
C LEU A 67 3.43 -16.31 -0.82
N SER A 68 2.34 -16.97 -0.49
CA SER A 68 0.98 -16.59 -0.97
C SER A 68 0.23 -15.87 0.19
N VAL A 69 0.76 -15.90 1.41
CA VAL A 69 0.10 -15.37 2.62
C VAL A 69 1.18 -14.63 3.38
N ILE A 70 0.94 -13.41 3.82
CA ILE A 70 1.81 -12.66 4.74
C ILE A 70 0.90 -12.28 5.91
N ASN A 71 1.36 -12.62 7.12
CA ASN A 71 0.68 -12.20 8.35
C ASN A 71 1.38 -10.99 8.88
N LEU A 72 0.68 -9.89 8.92
CA LEU A 72 1.28 -8.69 9.50
C LEU A 72 1.28 -8.82 11.04
N ASP A 73 2.06 -7.96 11.67
CA ASP A 73 2.09 -7.82 13.15
C ASP A 73 0.64 -7.72 13.59
N PRO A 74 0.26 -8.46 14.65
CA PRO A 74 -1.11 -8.38 15.15
C PRO A 74 -1.47 -7.07 15.82
N GLU A 75 -0.50 -6.21 16.09
CA GLU A 75 -0.79 -4.88 16.61
C GLU A 75 -1.30 -3.93 15.53
N ILE A 76 -1.09 -4.23 14.25
CA ILE A 76 -1.50 -3.29 13.16
C ILE A 76 -3.03 -3.21 13.07
N ASN A 77 -3.52 -1.98 12.96
CA ASN A 77 -4.96 -1.73 12.78
C ASN A 77 -5.41 -1.98 11.33
N PRO A 78 -6.39 -2.89 11.12
CA PRO A 78 -6.78 -3.33 9.77
C PRO A 78 -7.25 -2.10 9.01
N GLU A 79 -8.00 -1.21 9.65
CA GLU A 79 -8.45 0.03 8.94
C GLU A 79 -7.28 0.87 8.47
N GLY A 80 -6.22 1.04 9.28
CA GLY A 80 -5.04 1.78 8.84
C GLY A 80 -4.41 1.08 7.65
N PHE A 81 -4.28 -0.27 7.75
CA PHE A 81 -3.75 -1.02 6.59
C PHE A 81 -4.57 -0.75 5.31
N ASN A 82 -5.92 -0.88 5.47
CA ASN A 82 -6.86 -0.75 4.32
C ASN A 82 -6.66 0.64 3.70
N ILE A 83 -6.51 1.68 4.51
CA ILE A 83 -6.33 3.04 3.95
C ILE A 83 -5.04 3.10 3.15
N LEU A 84 -3.99 2.49 3.69
CA LEU A 84 -2.71 2.51 2.99
C LEU A 84 -2.75 1.69 1.73
N LEU A 85 -3.36 0.51 1.76
CA LEU A 85 -3.53 -0.26 0.53
C LEU A 85 -4.26 0.52 -0.52
N ASP A 86 -5.36 1.13 -0.13
CA ASP A 86 -6.11 1.92 -1.12
C ASP A 86 -5.22 3.06 -1.67
N PHE A 87 -4.47 3.70 -0.85
CA PHE A 87 -3.53 4.74 -1.29
C PHE A 87 -2.53 4.13 -2.30
N MET A 88 -1.98 2.95 -2.08
CA MET A 88 -0.97 2.39 -3.00
C MET A 88 -1.60 2.32 -4.41
N TYR A 89 -2.84 1.95 -4.45
CA TYR A 89 -3.50 1.73 -5.72
C TYR A 89 -4.25 2.91 -6.35
N THR A 90 -4.26 4.05 -5.67
CA THR A 90 -5.03 5.22 -6.12
C THR A 90 -4.28 6.55 -6.03
N SER A 91 -3.17 6.67 -5.33
CA SER A 91 -2.51 7.97 -5.08
C SER A 91 -3.32 8.87 -4.15
N ARG A 92 -4.40 8.39 -3.56
N ARG A 92 -4.37 8.38 -3.51
CA ARG A 92 -5.29 9.18 -2.68
CA ARG A 92 -5.26 9.19 -2.68
C ARG A 92 -5.22 8.63 -1.25
C ARG A 92 -5.25 8.65 -1.25
N LEU A 93 -4.99 9.56 -0.33
CA LEU A 93 -4.84 9.18 1.08
C LEU A 93 -5.95 9.77 1.88
N ASN A 94 -6.76 8.92 2.51
CA ASN A 94 -7.95 9.29 3.33
C ASN A 94 -7.49 9.54 4.77
N LEU A 95 -6.99 10.75 5.02
CA LEU A 95 -6.46 11.12 6.33
C LEU A 95 -7.48 11.99 7.05
N ARG A 96 -7.80 11.64 8.28
CA ARG A 96 -8.76 12.41 9.06
C ARG A 96 -8.34 12.37 10.54
N GLU A 97 -8.96 13.17 11.39
CA GLU A 97 -8.54 13.22 12.80
C GLU A 97 -8.70 11.89 13.49
N GLY A 98 -9.79 11.22 13.20
CA GLY A 98 -10.06 9.92 13.76
C GLY A 98 -9.17 8.78 13.26
N ASN A 99 -8.45 8.95 12.15
CA ASN A 99 -7.61 7.83 11.67
C ASN A 99 -6.09 8.18 11.59
N ILE A 100 -5.71 9.44 11.85
CA ILE A 100 -4.31 9.85 11.56
C ILE A 100 -3.30 9.05 12.35
N MET A 101 -3.54 8.79 13.63
CA MET A 101 -2.49 8.12 14.39
C MET A 101 -2.33 6.67 13.90
N ALA A 102 -3.43 5.96 13.62
CA ALA A 102 -3.32 4.58 13.12
C ALA A 102 -2.63 4.58 11.74
N VAL A 103 -3.02 5.49 10.85
CA VAL A 103 -2.42 5.56 9.51
C VAL A 103 -0.91 5.83 9.63
N MET A 104 -0.55 6.77 10.49
CA MET A 104 0.88 7.12 10.66
C MET A 104 1.63 5.91 11.19
N ALA A 105 1.16 5.25 12.21
CA ALA A 105 1.87 4.10 12.79
C ALA A 105 1.96 2.97 11.75
N THR A 106 0.87 2.74 10.99
CA THR A 106 0.89 1.70 9.96
C THR A 106 1.87 2.05 8.87
N ALA A 107 1.93 3.32 8.48
CA ALA A 107 2.87 3.72 7.43
C ALA A 107 4.32 3.64 7.88
N MET A 108 4.55 3.82 9.17
CA MET A 108 5.93 3.59 9.66
C MET A 108 6.28 2.10 9.51
N TYR A 109 5.41 1.25 9.97
CA TYR A 109 5.62 -0.18 9.90
C TYR A 109 5.78 -0.64 8.44
N LEU A 110 4.91 -0.16 7.55
CA LEU A 110 5.09 -0.55 6.15
C LEU A 110 6.29 0.11 5.49
N GLN A 111 6.91 1.11 6.07
CA GLN A 111 8.10 1.80 5.52
C GLN A 111 7.63 2.60 4.30
N MET A 112 6.75 3.56 4.55
CA MET A 112 6.19 4.47 3.50
C MET A 112 6.42 5.91 3.87
N GLU A 113 7.63 6.40 3.69
CA GLU A 113 8.04 7.70 4.25
C GLU A 113 7.17 8.90 3.81
N HIS A 114 6.70 8.97 2.56
CA HIS A 114 6.01 10.21 2.13
C HIS A 114 4.69 10.30 2.87
N VAL A 115 4.08 9.12 3.11
CA VAL A 115 2.80 9.16 3.87
C VAL A 115 3.16 9.60 5.32
N VAL A 116 4.16 8.97 5.95
CA VAL A 116 4.54 9.35 7.34
C VAL A 116 4.79 10.86 7.44
N ASP A 117 5.55 11.38 6.49
CA ASP A 117 5.80 12.84 6.51
C ASP A 117 4.46 13.62 6.33
N THR A 118 3.57 13.16 5.43
CA THR A 118 2.25 13.85 5.25
C THR A 118 1.47 13.80 6.55
N CYS A 119 1.58 12.66 7.28
CA CYS A 119 0.89 12.56 8.59
C CYS A 119 1.47 13.64 9.53
N ARG A 120 2.79 13.84 9.50
CA ARG A 120 3.47 14.87 10.34
C ARG A 120 3.04 16.26 9.91
N LYS A 121 2.85 16.46 8.63
CA LYS A 121 2.24 17.76 8.15
C LYS A 121 0.77 17.91 8.64
N PHE A 122 -0.01 16.85 8.65
CA PHE A 122 -1.39 16.89 9.09
C PHE A 122 -1.40 17.22 10.59
N ILE A 123 -0.45 16.64 11.31
CA ILE A 123 -0.31 16.93 12.71
C ILE A 123 0.11 18.37 12.90
N LYS A 124 0.98 18.92 12.09
CA LYS A 124 1.35 20.31 12.25
C LYS A 124 0.14 21.26 12.05
N ALA A 125 -0.70 20.94 11.07
CA ALA A 125 -1.96 21.67 10.75
C ALA A 125 -3.04 21.40 11.82
N SER A 126 -3.02 20.29 12.57
CA SER A 126 -3.98 20.10 13.71
C SER A 126 -3.21 19.76 14.99
#